data_6JMI
#
_entry.id   6JMI
#
_cell.length_a   63.317
_cell.length_b   63.317
_cell.length_c   262.604
_cell.angle_alpha   90.00
_cell.angle_beta   90.00
_cell.angle_gamma   90.00
#
_symmetry.space_group_name_H-M   'P 41 21 2'
#
loop_
_entity.id
_entity.type
_entity.pdbx_description
1 polymer 'Uncharacterized HTH-type transcriptional regulator Rv0081'
2 non-polymer 'SULFATE ION'
#
_entity_poly.entity_id   1
_entity_poly.type   'polypeptide(L)'
_entity_poly.pdbx_seq_one_letter_code
;VESEPLYKLKAEFFKTLAHPARIRILELLVERDRSVGELLSSDVGLESSNLSQQLGVLRRAGVVAARRDGNAMIYSIAAP
DIAELLAVARKVLARVLSDRVAVLEDLRAGGSAT
;
_entity_poly.pdbx_strand_id   A,B,C,D
#
# COMPACT_ATOMS: atom_id res chain seq x y z
N SER A 3 2.88 -12.18 -8.09
CA SER A 3 3.65 -12.43 -6.87
C SER A 3 2.91 -11.93 -5.64
N GLU A 4 3.62 -11.25 -4.76
CA GLU A 4 3.01 -10.67 -3.57
C GLU A 4 2.32 -9.36 -3.90
N PRO A 5 1.31 -8.97 -3.11
CA PRO A 5 0.66 -7.67 -3.35
C PRO A 5 1.60 -6.49 -3.20
N LEU A 6 2.55 -6.57 -2.26
CA LEU A 6 3.51 -5.49 -2.08
C LEU A 6 4.37 -5.30 -3.32
N TYR A 7 4.82 -6.40 -3.92
CA TYR A 7 5.60 -6.30 -5.15
C TYR A 7 4.76 -5.87 -6.34
N LYS A 8 3.44 -6.04 -6.26
CA LYS A 8 2.56 -5.51 -7.30
C LYS A 8 2.51 -3.98 -7.26
N LEU A 9 2.61 -3.39 -6.07
CA LEU A 9 2.67 -1.94 -5.97
C LEU A 9 4.01 -1.40 -6.47
N LYS A 10 5.10 -2.14 -6.25
CA LYS A 10 6.39 -1.71 -6.76
C LYS A 10 6.42 -1.74 -8.29
N ALA A 11 5.78 -2.75 -8.89
CA ALA A 11 5.71 -2.80 -10.35
C ALA A 11 4.77 -1.75 -10.89
N GLU A 12 3.63 -1.52 -10.20
CA GLU A 12 2.70 -0.50 -10.63
C GLU A 12 3.30 0.90 -10.48
N PHE A 13 4.25 1.07 -9.55
CA PHE A 13 4.91 2.36 -9.41
C PHE A 13 5.77 2.68 -10.62
N PHE A 14 6.57 1.71 -11.08
CA PHE A 14 7.38 1.92 -12.26
C PHE A 14 6.54 1.97 -13.53
N LYS A 15 5.40 1.27 -13.55
CA LYS A 15 4.51 1.34 -14.70
C LYS A 15 3.91 2.73 -14.87
N THR A 16 3.73 3.46 -13.77
CA THR A 16 3.19 4.82 -13.86
C THR A 16 4.16 5.76 -14.53
N LEU A 17 5.46 5.50 -14.44
CA LEU A 17 6.48 6.32 -15.06
C LEU A 17 6.87 5.84 -16.46
N ALA A 18 6.30 4.72 -16.91
CA ALA A 18 6.65 4.16 -18.22
C ALA A 18 5.78 4.73 -19.32
N HIS A 19 5.72 6.06 -19.40
CA HIS A 19 4.95 6.75 -20.43
C HIS A 19 5.75 7.97 -20.86
N PRO A 20 5.92 8.18 -22.17
CA PRO A 20 6.73 9.33 -22.62
C PRO A 20 6.18 10.67 -22.20
N ALA A 21 4.85 10.83 -22.21
CA ALA A 21 4.26 12.10 -21.82
C ALA A 21 4.44 12.36 -20.33
N ARG A 22 4.28 11.33 -19.50
CA ARG A 22 4.39 11.51 -18.05
C ARG A 22 5.83 11.79 -17.63
N ILE A 23 6.81 11.29 -18.38
CA ILE A 23 8.20 11.56 -18.04
C ILE A 23 8.55 13.02 -18.34
N ARG A 24 8.09 13.53 -19.48
CA ARG A 24 8.39 14.92 -19.81
C ARG A 24 7.71 15.89 -18.85
N ILE A 25 6.53 15.54 -18.34
CA ILE A 25 5.87 16.37 -17.35
C ILE A 25 6.71 16.45 -16.08
N LEU A 26 7.26 15.31 -15.65
CA LEU A 26 8.09 15.29 -14.45
C LEU A 26 9.39 16.07 -14.67
N GLU A 27 9.97 15.97 -15.86
CA GLU A 27 11.21 16.69 -16.14
C GLU A 27 10.99 18.20 -16.08
N LEU A 28 9.85 18.67 -16.60
CA LEU A 28 9.56 20.10 -16.55
C LEU A 28 9.26 20.56 -15.13
N LEU A 29 8.61 19.71 -14.32
CA LEU A 29 8.31 20.10 -12.95
C LEU A 29 9.55 20.09 -12.07
N VAL A 30 10.50 19.20 -12.36
CA VAL A 30 11.77 19.19 -11.62
C VAL A 30 12.56 20.46 -11.92
N GLU A 31 12.51 20.91 -13.18
CA GLU A 31 13.22 22.12 -13.58
C GLU A 31 12.67 23.34 -12.85
N ARG A 32 11.35 23.51 -12.84
CA ARG A 32 10.72 24.58 -12.09
C ARG A 32 9.22 24.30 -11.99
N ASP A 33 8.55 25.02 -11.09
CA ASP A 33 7.12 24.82 -10.90
C ASP A 33 6.38 25.28 -12.14
N ARG A 34 5.52 24.43 -12.67
CA ARG A 34 4.76 24.74 -13.86
C ARG A 34 3.27 24.81 -13.52
N SER A 35 2.54 25.70 -14.19
CA SER A 35 1.09 25.73 -14.07
C SER A 35 0.47 24.90 -15.18
N VAL A 36 -0.86 24.77 -15.12
CA VAL A 36 -1.56 23.97 -16.13
C VAL A 36 -1.48 24.63 -17.50
N GLY A 37 -1.38 25.95 -17.55
CA GLY A 37 -1.25 26.62 -18.83
C GLY A 37 0.15 26.50 -19.40
N GLU A 38 1.16 26.56 -18.53
CA GLU A 38 2.54 26.38 -18.97
C GLU A 38 2.77 24.95 -19.44
N LEU A 39 2.18 23.97 -18.75
CA LEU A 39 2.27 22.59 -19.20
C LEU A 39 1.50 22.38 -20.50
N LEU A 40 0.34 23.04 -20.63
CA LEU A 40 -0.43 22.95 -21.87
C LEU A 40 0.30 23.59 -23.04
N SER A 41 1.17 24.56 -22.77
CA SER A 41 1.96 25.20 -23.82
C SER A 41 3.41 24.75 -23.73
N SER A 42 3.65 23.45 -23.61
CA SER A 42 4.98 22.88 -23.53
C SER A 42 5.19 21.90 -24.69
N ASP A 43 6.31 21.19 -24.66
CA ASP A 43 6.60 20.18 -25.67
C ASP A 43 5.97 18.83 -25.35
N VAL A 44 5.05 18.77 -24.38
CA VAL A 44 4.39 17.51 -24.08
C VAL A 44 3.29 17.24 -25.12
N GLY A 45 2.72 18.28 -25.70
CA GLY A 45 1.79 18.14 -26.81
C GLY A 45 0.52 17.38 -26.50
N LEU A 46 -0.11 17.69 -25.37
CA LEU A 46 -1.36 17.05 -24.98
C LEU A 46 -2.45 18.10 -24.85
N GLU A 47 -3.68 17.70 -25.19
CA GLU A 47 -4.82 18.58 -25.02
C GLU A 47 -5.12 18.78 -23.54
N SER A 48 -5.97 19.78 -23.26
CA SER A 48 -6.31 20.09 -21.88
C SER A 48 -6.95 18.88 -21.18
N SER A 49 -7.72 18.10 -21.91
CA SER A 49 -8.40 16.95 -21.30
C SER A 49 -7.43 15.81 -21.08
N ASN A 50 -6.60 15.50 -22.10
CA ASN A 50 -5.53 14.52 -21.91
C ASN A 50 -4.49 14.98 -20.90
N LEU A 51 -4.23 16.28 -20.79
CA LEU A 51 -3.26 16.75 -19.80
C LEU A 51 -3.77 16.54 -18.38
N SER A 52 -5.06 16.79 -18.16
CA SER A 52 -5.63 16.60 -16.83
C SER A 52 -5.69 15.13 -16.44
N GLN A 53 -5.87 14.25 -17.41
CA GLN A 53 -5.90 12.81 -17.12
C GLN A 53 -4.54 12.32 -16.67
N GLN A 54 -3.47 12.72 -17.37
CA GLN A 54 -2.14 12.29 -17.00
C GLN A 54 -1.70 12.91 -15.68
N LEU A 55 -2.03 14.18 -15.46
CA LEU A 55 -1.71 14.83 -14.20
C LEU A 55 -2.48 14.21 -13.03
N GLY A 56 -3.70 13.72 -13.29
CA GLY A 56 -4.45 13.07 -12.23
C GLY A 56 -3.85 11.74 -11.82
N VAL A 57 -3.27 11.02 -12.77
CA VAL A 57 -2.61 9.76 -12.43
C VAL A 57 -1.36 10.01 -11.58
N LEU A 58 -0.57 11.01 -11.96
CA LEU A 58 0.64 11.33 -11.18
C LEU A 58 0.28 11.95 -9.83
N ARG A 59 -0.87 12.61 -9.73
CA ARG A 59 -1.27 13.19 -8.45
C ARG A 59 -1.65 12.11 -7.46
N ARG A 60 -2.46 11.14 -7.88
CA ARG A 60 -2.86 10.05 -6.99
C ARG A 60 -1.69 9.11 -6.69
N ALA A 61 -0.64 9.13 -7.50
CA ALA A 61 0.55 8.34 -7.26
C ALA A 61 1.54 9.03 -6.33
N GLY A 62 1.27 10.28 -5.94
CA GLY A 62 2.15 10.98 -5.04
C GLY A 62 3.43 11.49 -5.66
N VAL A 63 3.46 11.68 -6.97
CA VAL A 63 4.68 12.11 -7.65
C VAL A 63 4.61 13.61 -7.92
N VAL A 64 3.39 14.15 -8.10
CA VAL A 64 3.20 15.58 -8.30
C VAL A 64 2.23 16.10 -7.26
N ALA A 65 2.31 17.40 -7.02
CA ALA A 65 1.44 18.10 -6.07
C ALA A 65 0.90 19.37 -6.72
N ALA A 66 -0.35 19.69 -6.43
CA ALA A 66 -1.01 20.86 -7.00
C ALA A 66 -1.37 21.85 -5.90
N ARG A 67 -1.41 23.13 -6.27
CA ARG A 67 -1.79 24.19 -5.35
C ARG A 67 -2.44 25.32 -6.15
N ARG A 68 -3.40 25.99 -5.52
CA ARG A 68 -4.11 27.10 -6.13
C ARG A 68 -3.50 28.41 -5.66
N ASP A 69 -3.04 29.24 -6.61
CA ASP A 69 -2.44 30.53 -6.31
C ASP A 69 -3.26 31.69 -6.85
N GLY A 70 -4.53 31.46 -7.18
CA GLY A 70 -5.37 32.52 -7.71
C GLY A 70 -5.87 32.22 -9.11
N ASN A 71 -7.02 31.56 -9.21
CA ASN A 71 -7.68 31.20 -10.46
C ASN A 71 -6.85 30.23 -11.30
N ALA A 72 -5.78 29.68 -10.76
CA ALA A 72 -4.93 28.75 -11.48
C ALA A 72 -4.42 27.67 -10.53
N MET A 73 -3.94 26.57 -11.12
CA MET A 73 -3.42 25.44 -10.37
C MET A 73 -1.94 25.29 -10.73
N ILE A 74 -1.05 25.57 -9.79
CA ILE A 74 0.39 25.43 -10.01
C ILE A 74 0.80 24.04 -9.56
N TYR A 75 1.45 23.29 -10.46
CA TYR A 75 1.90 21.94 -10.16
C TYR A 75 3.39 21.92 -9.90
N SER A 76 3.82 20.96 -9.07
CA SER A 76 5.23 20.81 -8.73
C SER A 76 5.45 19.39 -8.25
N ILE A 77 6.72 18.99 -8.22
CA ILE A 77 7.06 17.66 -7.73
C ILE A 77 6.82 17.59 -6.23
N ALA A 78 6.40 16.42 -5.76
CA ALA A 78 6.15 16.19 -4.34
C ALA A 78 7.43 15.65 -3.70
N ALA A 79 8.06 16.46 -2.85
CA ALA A 79 9.28 16.17 -2.13
C ALA A 79 10.48 16.10 -3.07
N PRO A 80 11.68 16.46 -2.63
CA PRO A 80 12.85 16.44 -3.52
C PRO A 80 13.29 15.05 -3.93
N ASP A 81 12.78 14.00 -3.28
CA ASP A 81 13.20 12.63 -3.63
C ASP A 81 12.77 12.24 -5.04
N ILE A 82 11.76 12.91 -5.61
CA ILE A 82 11.36 12.61 -6.97
C ILE A 82 12.43 13.08 -7.95
N ALA A 83 12.97 14.28 -7.74
CA ALA A 83 14.07 14.76 -8.57
C ALA A 83 15.30 13.87 -8.43
N GLU A 84 15.52 13.29 -7.24
CA GLU A 84 16.64 12.36 -7.08
C GLU A 84 16.37 11.05 -7.81
N LEU A 85 15.12 10.60 -7.86
CA LEU A 85 14.78 9.36 -8.55
C LEU A 85 15.04 9.47 -10.05
N LEU A 86 14.59 10.56 -10.66
CA LEU A 86 14.78 10.74 -12.09
C LEU A 86 16.25 10.98 -12.43
N ALA A 87 17.01 11.58 -11.50
CA ALA A 87 18.44 11.80 -11.74
C ALA A 87 19.20 10.48 -11.81
N VAL A 88 18.90 9.55 -10.90
CA VAL A 88 19.56 8.26 -10.93
C VAL A 88 19.01 7.39 -12.07
N ALA A 89 17.74 7.58 -12.44
CA ALA A 89 17.16 6.80 -13.52
C ALA A 89 17.85 7.11 -14.85
N ARG A 90 18.05 8.40 -15.14
CA ARG A 90 18.76 8.76 -16.37
C ARG A 90 20.25 8.47 -16.28
N LYS A 91 20.81 8.40 -15.07
CA LYS A 91 22.20 7.99 -14.93
C LYS A 91 22.38 6.53 -15.32
N VAL A 92 21.46 5.66 -14.91
CA VAL A 92 21.53 4.27 -15.31
C VAL A 92 21.25 4.12 -16.80
N LEU A 93 20.28 4.88 -17.31
CA LEU A 93 19.95 4.80 -18.73
C LEU A 93 21.08 5.30 -19.61
N ALA A 94 21.85 6.28 -19.14
CA ALA A 94 23.00 6.76 -19.90
C ALA A 94 24.10 5.72 -19.97
N ARG A 95 24.25 4.89 -18.94
CA ARG A 95 25.29 3.88 -18.94
C ARG A 95 24.94 2.69 -19.83
N VAL A 96 23.69 2.21 -19.75
CA VAL A 96 23.29 1.06 -20.56
C VAL A 96 23.31 1.40 -22.04
N LEU A 97 22.92 2.64 -22.38
CA LEU A 97 22.93 3.04 -23.78
C LEU A 97 24.35 3.26 -24.29
N SER A 98 25.26 3.72 -23.43
CA SER A 98 26.65 3.90 -23.84
C SER A 98 27.32 2.56 -24.09
N ASP A 99 27.07 1.57 -23.22
CA ASP A 99 27.66 0.25 -23.40
C ASP A 99 27.00 -0.52 -24.53
N ARG A 100 25.74 -0.20 -24.86
CA ARG A 100 25.06 -0.90 -25.94
C ARG A 100 25.59 -0.44 -27.30
N VAL A 101 25.92 0.84 -27.43
CA VAL A 101 26.45 1.36 -28.69
C VAL A 101 27.91 0.98 -28.85
N ALA A 102 28.70 1.16 -27.80
CA ALA A 102 30.12 0.83 -27.85
C ALA A 102 30.34 -0.68 -27.86
N GLU B 4 -5.90 -1.93 -6.59
CA GLU B 4 -6.31 -3.26 -6.15
C GLU B 4 -5.32 -3.92 -5.16
N PRO B 5 -4.01 -3.90 -5.47
CA PRO B 5 -3.07 -4.49 -4.49
C PRO B 5 -3.07 -3.78 -3.16
N LEU B 6 -3.23 -2.46 -3.15
CA LEU B 6 -3.27 -1.73 -1.89
C LEU B 6 -4.47 -2.15 -1.03
N TYR B 7 -5.63 -2.32 -1.66
CA TYR B 7 -6.80 -2.77 -0.92
C TYR B 7 -6.69 -4.23 -0.50
N LYS B 8 -5.86 -5.03 -1.17
CA LYS B 8 -5.59 -6.37 -0.70
C LYS B 8 -4.75 -6.35 0.58
N LEU B 9 -3.86 -5.36 0.70
CA LEU B 9 -3.09 -5.20 1.93
C LEU B 9 -3.96 -4.68 3.07
N LYS B 10 -4.96 -3.85 2.74
CA LYS B 10 -5.88 -3.37 3.77
C LYS B 10 -6.70 -4.51 4.35
N ALA B 11 -7.11 -5.47 3.51
CA ALA B 11 -7.87 -6.60 4.00
C ALA B 11 -7.00 -7.54 4.83
N GLU B 12 -5.74 -7.74 4.41
CA GLU B 12 -4.84 -8.58 5.19
C GLU B 12 -4.51 -7.96 6.54
N PHE B 13 -4.60 -6.63 6.66
CA PHE B 13 -4.37 -5.99 7.95
C PHE B 13 -5.47 -6.36 8.94
N PHE B 14 -6.73 -6.28 8.52
CA PHE B 14 -7.83 -6.68 9.39
C PHE B 14 -7.88 -8.19 9.56
N LYS B 15 -7.42 -8.95 8.56
CA LYS B 15 -7.37 -10.40 8.68
C LYS B 15 -6.40 -10.83 9.77
N THR B 16 -5.35 -10.03 10.02
CA THR B 16 -4.40 -10.35 11.07
C THR B 16 -5.05 -10.26 12.45
N LEU B 17 -6.04 -9.40 12.62
CA LEU B 17 -6.74 -9.24 13.88
C LEU B 17 -7.97 -10.12 14.01
N ALA B 18 -8.32 -10.87 12.97
CA ALA B 18 -9.53 -11.70 13.00
C ALA B 18 -9.25 -13.09 13.57
N HIS B 19 -8.61 -13.12 14.75
CA HIS B 19 -8.31 -14.37 15.43
C HIS B 19 -8.47 -14.08 16.93
N PRO B 20 -9.19 -14.93 17.66
CA PRO B 20 -9.41 -14.65 19.09
C PRO B 20 -8.13 -14.58 19.91
N ALA B 21 -7.16 -15.44 19.62
CA ALA B 21 -5.93 -15.44 20.40
C ALA B 21 -5.10 -14.18 20.15
N ARG B 22 -5.01 -13.74 18.90
CA ARG B 22 -4.19 -12.56 18.61
C ARG B 22 -4.81 -11.30 19.20
N ILE B 23 -6.13 -11.26 19.36
CA ILE B 23 -6.76 -10.11 20.00
C ILE B 23 -6.42 -10.06 21.48
N ARG B 24 -6.45 -11.22 22.15
CA ARG B 24 -6.10 -11.27 23.56
C ARG B 24 -4.62 -10.95 23.79
N ILE B 25 -3.75 -11.35 22.87
CA ILE B 25 -2.33 -11.02 22.99
C ILE B 25 -2.13 -9.51 22.94
N LEU B 26 -2.82 -8.84 22.01
CA LEU B 26 -2.68 -7.39 21.89
C LEU B 26 -3.25 -6.67 23.11
N GLU B 27 -4.37 -7.17 23.65
CA GLU B 27 -4.96 -6.54 24.83
C GLU B 27 -4.03 -6.62 26.04
N LEU B 28 -3.34 -7.75 26.20
CA LEU B 28 -2.40 -7.89 27.31
C LEU B 28 -1.17 -7.00 27.14
N LEU B 29 -0.71 -6.82 25.89
CA LEU B 29 0.47 -6.00 25.66
C LEU B 29 0.19 -4.52 25.86
N VAL B 30 -1.04 -4.08 25.61
CA VAL B 30 -1.39 -2.68 25.82
C VAL B 30 -1.36 -2.33 27.31
N GLU B 31 -1.79 -3.26 28.16
CA GLU B 31 -1.77 -3.01 29.60
C GLU B 31 -0.34 -2.86 30.10
N ARG B 32 0.52 -3.82 29.77
CA ARG B 32 1.94 -3.78 30.09
C ARG B 32 2.63 -4.85 29.27
N ASP B 33 3.96 -4.77 29.22
CA ASP B 33 4.75 -5.68 28.41
C ASP B 33 4.68 -7.12 28.94
N ARG B 34 4.43 -8.06 28.03
CA ARG B 34 4.41 -9.48 28.34
C ARG B 34 5.59 -10.18 27.69
N SER B 35 6.11 -11.20 28.37
CA SER B 35 7.12 -12.07 27.78
C SER B 35 6.45 -13.27 27.13
N VAL B 36 7.25 -14.06 26.42
CA VAL B 36 6.70 -15.24 25.75
C VAL B 36 6.27 -16.30 26.75
N GLY B 37 6.93 -16.36 27.91
CA GLY B 37 6.57 -17.30 28.95
C GLY B 37 5.36 -16.86 29.74
N GLU B 38 5.24 -15.55 29.97
CA GLU B 38 4.10 -15.02 30.70
C GLU B 38 2.80 -15.21 29.95
N LEU B 39 2.84 -15.15 28.61
CA LEU B 39 1.65 -15.38 27.81
C LEU B 39 1.14 -16.82 27.96
N LEU B 40 2.06 -17.78 28.09
CA LEU B 40 1.63 -19.16 28.31
C LEU B 40 1.00 -19.35 29.69
N SER B 41 1.37 -18.51 30.66
CA SER B 41 0.80 -18.58 31.99
C SER B 41 -0.16 -17.41 32.24
N ASP B 43 -4.17 -16.48 28.92
CA ASP B 43 -5.57 -16.72 28.61
C ASP B 43 -5.67 -17.10 27.16
N VAL B 44 -4.49 -17.30 26.57
CA VAL B 44 -4.38 -17.63 25.15
C VAL B 44 -4.66 -19.10 24.85
N GLY B 45 -5.07 -19.87 25.85
CA GLY B 45 -5.32 -21.31 25.77
C GLY B 45 -5.36 -21.96 24.41
N LEU B 46 -4.21 -21.97 23.72
CA LEU B 46 -4.09 -22.63 22.42
C LEU B 46 -2.75 -23.35 22.32
N SER B 49 3.41 -22.06 21.55
CA SER B 49 2.55 -23.04 20.91
C SER B 49 2.28 -22.62 19.50
N ASN B 50 0.99 -22.47 19.21
CA ASN B 50 0.57 -21.60 18.13
C ASN B 50 1.06 -20.20 18.44
N LEU B 51 1.36 -19.94 19.72
CA LEU B 51 1.86 -18.64 20.15
C LEU B 51 3.11 -18.25 19.38
N SER B 52 3.99 -19.22 19.10
CA SER B 52 5.15 -18.91 18.27
C SER B 52 4.70 -18.62 16.84
N GLN B 53 3.67 -19.34 16.37
CA GLN B 53 3.12 -19.06 15.05
C GLN B 53 2.33 -17.75 15.05
N GLN B 54 1.48 -17.55 16.06
CA GLN B 54 0.66 -16.34 16.11
C GLN B 54 1.51 -15.09 16.36
N LEU B 55 2.52 -15.19 17.23
CA LEU B 55 3.41 -14.04 17.44
C LEU B 55 4.21 -13.73 16.18
N GLY B 56 4.55 -14.75 15.39
CA GLY B 56 5.23 -14.51 14.14
C GLY B 56 4.36 -13.79 13.14
N VAL B 57 3.06 -14.09 13.14
CA VAL B 57 2.12 -13.37 12.27
C VAL B 57 2.00 -11.92 12.70
N LEU B 58 1.87 -11.68 14.01
CA LEU B 58 1.79 -10.32 14.51
C LEU B 58 3.11 -9.58 14.37
N ARG B 59 4.24 -10.30 14.43
CA ARG B 59 5.53 -9.65 14.28
C ARG B 59 5.75 -9.19 12.85
N ARG B 60 5.48 -10.08 11.88
CA ARG B 60 5.64 -9.71 10.47
C ARG B 60 4.59 -8.71 10.00
N ALA B 61 3.48 -8.58 10.73
CA ALA B 61 2.46 -7.59 10.38
C ALA B 61 2.75 -6.21 10.97
N GLY B 62 3.80 -6.08 11.78
CA GLY B 62 4.16 -4.79 12.34
C GLY B 62 3.29 -4.29 13.46
N VAL B 63 2.57 -5.16 14.14
CA VAL B 63 1.68 -4.73 15.22
C VAL B 63 2.35 -5.00 16.56
N VAL B 64 3.23 -5.99 16.61
CA VAL B 64 3.97 -6.29 17.82
C VAL B 64 5.47 -6.24 17.50
N ALA B 65 6.26 -6.03 18.54
CA ALA B 65 7.71 -5.98 18.43
C ALA B 65 8.33 -6.86 19.50
N ALA B 66 9.43 -7.51 19.16
CA ALA B 66 10.12 -8.41 20.07
C ALA B 66 11.51 -7.87 20.37
N ARG B 67 12.01 -8.20 21.56
CA ARG B 67 13.35 -7.80 21.96
C ARG B 67 13.89 -8.83 22.93
N ARG B 68 15.20 -9.07 22.86
CA ARG B 68 15.88 -10.02 23.71
C ARG B 68 16.54 -9.29 24.87
N ASP B 69 16.19 -9.69 26.10
CA ASP B 69 16.76 -9.08 27.30
C ASP B 69 17.58 -10.09 28.11
N GLY B 70 17.98 -11.20 27.49
CA GLY B 70 18.77 -12.21 28.17
C GLY B 70 18.09 -13.56 28.25
N ASN B 71 18.37 -14.41 27.26
CA ASN B 71 17.83 -15.77 27.15
C ASN B 71 16.32 -15.81 27.05
N ALA B 72 15.67 -14.66 26.87
CA ALA B 72 14.22 -14.61 26.79
C ALA B 72 13.84 -13.59 25.73
N MET B 73 12.59 -13.67 25.27
CA MET B 73 12.09 -12.78 24.23
C MET B 73 10.92 -11.97 24.79
N ILE B 74 11.14 -10.68 24.97
CA ILE B 74 10.11 -9.77 25.49
C ILE B 74 9.34 -9.16 24.33
N TYR B 75 8.02 -9.32 24.34
CA TYR B 75 7.15 -8.80 23.31
C TYR B 75 6.42 -7.56 23.80
N SER B 76 6.14 -6.66 22.86
CA SER B 76 5.45 -5.42 23.16
C SER B 76 4.84 -4.88 21.87
N ILE B 77 3.91 -3.93 22.02
CA ILE B 77 3.29 -3.32 20.86
C ILE B 77 4.32 -2.45 20.15
N ALA B 78 4.24 -2.40 18.82
CA ALA B 78 5.13 -1.60 17.99
C ALA B 78 4.50 -0.25 17.75
N ALA B 79 5.10 0.81 18.31
CA ALA B 79 4.66 2.20 18.20
C ALA B 79 3.35 2.43 18.94
N PRO B 80 3.13 3.65 19.46
CA PRO B 80 1.90 3.89 20.23
C PRO B 80 0.63 3.87 19.39
N ASP B 81 0.73 3.89 18.06
CA ASP B 81 -0.46 3.86 17.22
C ASP B 81 -1.24 2.56 17.36
N ILE B 82 -0.57 1.49 17.82
CA ILE B 82 -1.28 0.23 18.06
C ILE B 82 -2.21 0.37 19.26
N ALA B 83 -1.74 1.02 20.32
CA ALA B 83 -2.62 1.33 21.44
C ALA B 83 -3.75 2.25 21.00
N GLU B 84 -3.49 3.11 20.01
CA GLU B 84 -4.55 3.95 19.47
C GLU B 84 -5.55 3.12 18.67
N LEU B 85 -5.07 2.08 17.98
CA LEU B 85 -5.94 1.23 17.19
C LEU B 85 -6.90 0.42 18.06
N LEU B 86 -6.37 -0.20 19.12
CA LEU B 86 -7.21 -1.01 20.01
C LEU B 86 -8.17 -0.14 20.81
N ALA B 87 -7.80 1.10 21.10
CA ALA B 87 -8.71 1.98 21.82
C ALA B 87 -9.95 2.28 20.99
N VAL B 88 -9.76 2.56 19.70
CA VAL B 88 -10.91 2.80 18.83
C VAL B 88 -11.60 1.50 18.46
N ALA B 89 -10.85 0.39 18.37
CA ALA B 89 -11.46 -0.89 18.04
C ALA B 89 -12.42 -1.35 19.13
N ARG B 90 -11.99 -1.26 20.39
CA ARG B 90 -12.87 -1.65 21.49
C ARG B 90 -14.01 -0.66 21.71
N LYS B 91 -13.82 0.61 21.29
CA LYS B 91 -14.93 1.55 21.33
C LYS B 91 -16.01 1.16 20.33
N VAL B 92 -15.60 0.74 19.12
CA VAL B 92 -16.56 0.28 18.12
C VAL B 92 -17.16 -1.06 18.55
N LEU B 93 -16.34 -1.95 19.10
CA LEU B 93 -16.83 -3.25 19.53
C LEU B 93 -17.83 -3.13 20.68
N ALA B 94 -17.64 -2.13 21.55
CA ALA B 94 -18.59 -1.93 22.63
C ALA B 94 -19.94 -1.45 22.10
N ARG B 95 -19.95 -0.71 20.99
CA ARG B 95 -21.19 -0.23 20.43
C ARG B 95 -21.93 -1.32 19.66
N VAL B 96 -21.19 -2.09 18.84
CA VAL B 96 -21.82 -3.11 18.02
C VAL B 96 -22.40 -4.22 18.89
N LEU B 97 -21.69 -4.60 19.95
CA LEU B 97 -22.18 -5.66 20.82
C LEU B 97 -23.33 -5.18 21.70
N SER B 98 -23.32 -3.92 22.11
CA SER B 98 -24.42 -3.40 22.92
C SER B 98 -25.70 -3.32 22.11
N ASP B 99 -25.63 -2.85 20.87
CA ASP B 99 -26.81 -2.77 20.02
C ASP B 99 -27.25 -4.13 19.51
N ARG B 100 -26.34 -5.10 19.45
CA ARG B 100 -26.70 -6.44 18.95
C ARG B 100 -27.52 -7.20 19.99
N VAL B 101 -27.22 -7.02 21.27
CA VAL B 101 -27.96 -7.71 22.32
C VAL B 101 -29.31 -7.05 22.55
N ALA B 102 -29.33 -5.73 22.66
CA ALA B 102 -30.57 -5.00 22.89
C ALA B 102 -31.45 -4.99 21.64
N SER C 3 -10.58 -18.88 23.56
CA SER C 3 -11.64 -19.87 23.44
C SER C 3 -12.97 -19.34 23.97
N GLU C 4 -12.92 -18.14 24.53
CA GLU C 4 -14.14 -17.54 25.08
C GLU C 4 -15.07 -17.09 23.95
N PRO C 5 -16.38 -17.21 24.13
CA PRO C 5 -17.30 -16.78 23.07
C PRO C 5 -17.22 -15.31 22.73
N LEU C 6 -16.96 -14.44 23.72
CA LEU C 6 -16.87 -13.01 23.45
C LEU C 6 -15.74 -12.70 22.47
N TYR C 7 -14.59 -13.35 22.63
CA TYR C 7 -13.48 -13.14 21.71
C TYR C 7 -13.75 -13.75 20.33
N LYS C 8 -14.67 -14.70 20.23
CA LYS C 8 -15.05 -15.21 18.91
C LYS C 8 -15.86 -14.18 18.13
N LEU C 9 -16.66 -13.37 18.82
CA LEU C 9 -17.39 -12.30 18.14
C LEU C 9 -16.46 -11.17 17.71
N LYS C 10 -15.41 -10.91 18.49
CA LYS C 10 -14.44 -9.89 18.09
C LYS C 10 -13.68 -10.31 16.85
N ALA C 11 -13.35 -11.60 16.73
CA ALA C 11 -12.64 -12.08 15.55
C ALA C 11 -13.56 -12.10 14.32
N GLU C 12 -14.82 -12.48 14.50
CA GLU C 12 -15.75 -12.49 13.38
C GLU C 12 -16.06 -11.08 12.90
N PHE C 13 -15.95 -10.08 13.78
CA PHE C 13 -16.14 -8.70 13.36
C PHE C 13 -15.03 -8.25 12.43
N PHE C 14 -13.77 -8.54 12.79
CA PHE C 14 -12.66 -8.18 11.92
C PHE C 14 -12.60 -9.07 10.69
N LYS C 15 -13.08 -10.31 10.80
CA LYS C 15 -13.13 -11.17 9.62
C LYS C 15 -14.12 -10.63 8.59
N THR C 16 -15.17 -9.94 9.05
CA THR C 16 -16.12 -9.32 8.14
C THR C 16 -15.48 -8.16 7.39
N LEU C 17 -14.47 -7.53 7.98
CA LEU C 17 -13.79 -6.39 7.39
C LEU C 17 -12.58 -6.79 6.55
N ALA C 18 -12.23 -8.09 6.53
CA ALA C 18 -11.05 -8.57 5.82
C ALA C 18 -11.36 -8.90 4.35
N HIS C 19 -11.95 -7.95 3.63
CA HIS C 19 -12.28 -8.14 2.22
C HIS C 19 -12.03 -6.83 1.49
N PRO C 20 -11.32 -6.86 0.35
CA PRO C 20 -11.00 -5.60 -0.34
C PRO C 20 -12.22 -4.83 -0.80
N ALA C 21 -13.26 -5.52 -1.25
CA ALA C 21 -14.46 -4.83 -1.72
C ALA C 21 -15.20 -4.15 -0.58
N ARG C 22 -15.29 -4.82 0.58
CA ARG C 22 -16.02 -4.25 1.71
C ARG C 22 -15.30 -3.05 2.30
N ILE C 23 -13.98 -2.99 2.20
CA ILE C 23 -13.24 -1.84 2.73
C ILE C 23 -13.48 -0.62 1.85
N ARG C 24 -13.49 -0.79 0.53
CA ARG C 24 -13.73 0.34 -0.36
C ARG C 24 -15.15 0.88 -0.19
N ILE C 25 -16.12 0.01 0.10
CA ILE C 25 -17.48 0.47 0.36
C ILE C 25 -17.50 1.37 1.58
N LEU C 26 -16.78 0.99 2.64
CA LEU C 26 -16.76 1.80 3.86
C LEU C 26 -16.08 3.14 3.63
N GLU C 27 -15.02 3.15 2.81
CA GLU C 27 -14.32 4.40 2.53
C GLU C 27 -15.22 5.40 1.81
N LEU C 28 -16.04 4.90 0.87
CA LEU C 28 -16.96 5.79 0.18
C LEU C 28 -18.07 6.28 1.09
N LEU C 29 -18.52 5.46 2.03
CA LEU C 29 -19.59 5.87 2.94
C LEU C 29 -19.11 6.90 3.95
N VAL C 30 -17.82 6.86 4.31
CA VAL C 30 -17.29 7.84 5.26
C VAL C 30 -17.29 9.23 4.63
N GLU C 31 -16.99 9.33 3.34
CA GLU C 31 -16.98 10.63 2.68
C GLU C 31 -18.38 11.24 2.64
N ARG C 32 -19.35 10.46 2.17
CA ARG C 32 -20.75 10.88 2.15
C ARG C 32 -21.60 9.65 1.88
N ASP C 33 -22.90 9.79 2.09
CA ASP C 33 -23.84 8.68 1.95
C ASP C 33 -23.93 8.22 0.50
N ARG C 34 -23.85 6.91 0.30
CA ARG C 34 -23.96 6.30 -1.02
C ARG C 34 -25.25 5.50 -1.14
N SER C 35 -25.85 5.53 -2.33
CA SER C 35 -26.95 4.67 -2.69
C SER C 35 -26.40 3.43 -3.40
N VAL C 36 -27.30 2.49 -3.72
CA VAL C 36 -26.85 1.27 -4.38
C VAL C 36 -26.32 1.57 -5.78
N GLY C 37 -26.85 2.61 -6.43
CA GLY C 37 -26.40 2.98 -7.76
C GLY C 37 -25.06 3.68 -7.78
N GLU C 38 -24.80 4.53 -6.78
CA GLU C 38 -23.49 5.18 -6.72
C GLU C 38 -22.39 4.17 -6.45
N LEU C 39 -22.67 3.15 -5.63
CA LEU C 39 -21.69 2.10 -5.42
C LEU C 39 -21.48 1.28 -6.68
N LEU C 40 -22.55 1.05 -7.45
CA LEU C 40 -22.44 0.35 -8.71
C LEU C 40 -21.65 1.14 -9.75
N SER C 41 -21.57 2.47 -9.59
CA SER C 41 -20.80 3.31 -10.49
C SER C 41 -19.46 3.72 -9.88
N SER C 42 -18.88 2.85 -9.06
CA SER C 42 -17.57 3.09 -8.46
C SER C 42 -16.62 1.94 -8.79
N ASP C 43 -15.72 1.61 -7.87
CA ASP C 43 -14.68 0.61 -8.10
C ASP C 43 -15.07 -0.78 -7.58
N VAL C 44 -16.33 -0.99 -7.24
CA VAL C 44 -16.79 -2.29 -6.77
C VAL C 44 -16.99 -3.27 -7.93
N SER C 49 -26.67 -7.34 -6.99
CA SER C 49 -26.66 -8.79 -6.77
C SER C 49 -25.62 -9.18 -5.73
N ASN C 50 -24.36 -9.27 -6.18
CA ASN C 50 -23.25 -9.43 -5.24
C ASN C 50 -23.11 -8.22 -4.31
N LEU C 51 -23.46 -7.02 -4.79
CA LEU C 51 -23.36 -5.83 -3.94
C LEU C 51 -24.36 -5.89 -2.78
N SER C 52 -25.58 -6.37 -3.05
CA SER C 52 -26.59 -6.47 -1.99
C SER C 52 -26.23 -7.52 -0.95
N GLN C 53 -25.58 -8.61 -1.37
CA GLN C 53 -25.18 -9.64 -0.41
C GLN C 53 -24.10 -9.13 0.53
N GLN C 54 -23.09 -8.44 -0.01
CA GLN C 54 -22.01 -7.94 0.83
C GLN C 54 -22.50 -6.82 1.75
N LEU C 55 -23.38 -5.95 1.24
CA LEU C 55 -23.94 -4.90 2.07
C LEU C 55 -24.83 -5.48 3.17
N GLY C 56 -25.50 -6.60 2.90
CA GLY C 56 -26.29 -7.24 3.93
C GLY C 56 -25.46 -7.82 5.06
N VAL C 57 -24.26 -8.32 4.73
CA VAL C 57 -23.36 -8.81 5.77
C VAL C 57 -22.88 -7.66 6.63
N LEU C 58 -22.52 -6.54 6.02
CA LEU C 58 -22.08 -5.38 6.78
C LEU C 58 -23.24 -4.76 7.56
N ARG C 59 -24.47 -4.91 7.09
CA ARG C 59 -25.62 -4.38 7.82
C ARG C 59 -25.86 -5.16 9.10
N ARG C 60 -25.87 -6.50 9.01
CA ARG C 60 -26.06 -7.32 10.20
C ARG C 60 -24.88 -7.27 11.14
N ALA C 61 -23.71 -6.86 10.65
CA ALA C 61 -22.53 -6.70 11.49
C ALA C 61 -22.47 -5.33 12.17
N GLY C 62 -23.42 -4.45 11.88
CA GLY C 62 -23.46 -3.15 12.51
C GLY C 62 -22.44 -2.14 12.02
N VAL C 63 -21.93 -2.32 10.79
CA VAL C 63 -20.92 -1.41 10.27
C VAL C 63 -21.57 -0.41 9.31
N VAL C 64 -22.66 -0.81 8.67
CA VAL C 64 -23.40 0.06 7.78
C VAL C 64 -24.85 0.12 8.23
N ALA C 65 -25.53 1.17 7.80
CA ALA C 65 -26.94 1.38 8.11
C ALA C 65 -27.70 1.66 6.82
N ALA C 66 -28.93 1.16 6.74
CA ALA C 66 -29.75 1.27 5.55
C ALA C 66 -30.99 2.10 5.83
N ARG C 67 -31.52 2.71 4.78
CA ARG C 67 -32.74 3.51 4.86
C ARG C 67 -33.50 3.38 3.56
N ARG C 68 -34.83 3.39 3.65
CA ARG C 68 -35.70 3.24 2.50
C ARG C 68 -36.19 4.59 2.01
N ASP C 69 -35.97 4.87 0.73
CA ASP C 69 -36.40 6.12 0.11
C ASP C 69 -37.46 5.86 -0.97
N GLY C 70 -38.08 4.68 -0.96
CA GLY C 70 -39.09 4.35 -1.94
C GLY C 70 -38.72 3.15 -2.79
N ASN C 71 -37.97 3.38 -3.87
CA ASN C 71 -37.53 2.32 -4.77
C ASN C 71 -36.04 2.07 -4.68
N ALA C 72 -35.35 2.65 -3.70
CA ALA C 72 -33.91 2.48 -3.57
C ALA C 72 -33.54 2.36 -2.10
N MET C 73 -32.34 1.86 -1.86
CA MET C 73 -31.81 1.63 -0.52
C MET C 73 -30.58 2.52 -0.34
N ILE C 74 -30.67 3.54 0.51
CA ILE C 74 -29.54 4.44 0.76
C ILE C 74 -28.75 3.90 1.94
N TYR C 75 -27.45 3.70 1.71
CA TYR C 75 -26.55 3.14 2.72
C TYR C 75 -25.67 4.22 3.31
N SER C 76 -25.28 4.03 4.57
CA SER C 76 -24.44 4.99 5.26
C SER C 76 -23.73 4.28 6.42
N ILE C 77 -22.67 4.92 6.90
CA ILE C 77 -21.92 4.39 8.04
C ILE C 77 -22.74 4.50 9.31
N ALA C 78 -22.61 3.52 10.19
CA ALA C 78 -23.30 3.53 11.48
C ALA C 78 -22.36 4.11 12.53
N ALA C 79 -22.68 5.31 13.02
CA ALA C 79 -21.94 6.03 14.05
C ALA C 79 -20.57 6.50 13.55
N PRO C 80 -20.08 7.64 14.03
CA PRO C 80 -18.78 8.14 13.55
C PRO C 80 -17.58 7.33 14.01
N ASP C 81 -17.74 6.42 14.97
CA ASP C 81 -16.60 5.65 15.47
C ASP C 81 -16.00 4.73 14.42
N ILE C 82 -16.78 4.36 13.39
CA ILE C 82 -16.24 3.54 12.31
C ILE C 82 -15.29 4.36 11.46
N ALA C 83 -15.67 5.61 11.14
CA ALA C 83 -14.75 6.49 10.44
C ALA C 83 -13.48 6.72 11.26
N GLU C 84 -13.60 6.71 12.58
CA GLU C 84 -12.42 6.80 13.44
C GLU C 84 -11.58 5.52 13.36
N LEU C 85 -12.23 4.37 13.20
CA LEU C 85 -11.50 3.11 13.12
C LEU C 85 -10.65 3.04 11.86
N LEU C 86 -11.23 3.37 10.71
CA LEU C 86 -10.47 3.33 9.46
C LEU C 86 -9.40 4.41 9.43
N ALA C 87 -9.62 5.53 10.11
CA ALA C 87 -8.60 6.58 10.16
C ALA C 87 -7.36 6.10 10.90
N VAL C 88 -7.54 5.41 12.02
CA VAL C 88 -6.41 4.87 12.75
C VAL C 88 -5.87 3.63 12.04
N ALA C 89 -6.73 2.87 11.35
CA ALA C 89 -6.27 1.70 10.62
C ALA C 89 -5.34 2.09 9.49
N ARG C 90 -5.72 3.13 8.72
CA ARG C 90 -4.86 3.59 7.64
C ARG C 90 -3.62 4.31 8.17
N LYS C 91 -3.69 4.86 9.38
CA LYS C 91 -2.50 5.44 9.99
C LYS C 91 -1.49 4.36 10.37
N VAL C 92 -1.98 3.24 10.93
CA VAL C 92 -1.09 2.14 11.25
C VAL C 92 -0.58 1.46 9.97
N LEU C 93 -1.46 1.28 8.98
CA LEU C 93 -1.05 0.65 7.74
C LEU C 93 -0.05 1.49 6.96
N ALA C 94 -0.16 2.82 7.05
CA ALA C 94 0.80 3.67 6.36
C ALA C 94 2.19 3.55 6.99
N ARG C 95 2.25 3.28 8.30
CA ARG C 95 3.53 3.11 8.97
C ARG C 95 4.14 1.75 8.67
N VAL C 96 3.32 0.69 8.70
CA VAL C 96 3.83 -0.66 8.47
C VAL C 96 4.29 -0.80 7.02
N LEU C 97 3.56 -0.21 6.08
CA LEU C 97 3.93 -0.32 4.67
C LEU C 97 5.13 0.56 4.32
N SER C 98 5.26 1.73 4.96
CA SER C 98 6.41 2.59 4.69
C SER C 98 7.70 1.97 5.23
N ASP C 99 7.64 1.40 6.44
CA ASP C 99 8.81 0.77 7.02
C ASP C 99 9.14 -0.56 6.36
N ARG C 100 8.16 -1.23 5.75
CA ARG C 100 8.43 -2.51 5.10
C ARG C 100 9.17 -2.30 3.78
N VAL C 101 8.85 -1.23 3.05
CA VAL C 101 9.53 -0.96 1.79
C VAL C 101 10.90 -0.36 2.04
N ALA C 102 10.99 0.61 2.94
CA ALA C 102 12.25 1.26 3.26
C ALA C 102 13.16 0.34 4.06
N GLU D 4 8.93 11.34 -30.03
CA GLU D 4 10.39 11.37 -30.03
C GLU D 4 10.97 10.04 -29.56
N PRO D 5 11.91 9.49 -30.33
CA PRO D 5 12.49 8.19 -29.96
C PRO D 5 13.27 8.23 -28.65
N LEU D 6 13.75 9.40 -28.23
CA LEU D 6 14.50 9.49 -26.98
C LEU D 6 13.61 9.16 -25.78
N TYR D 7 12.47 9.85 -25.67
CA TYR D 7 11.54 9.57 -24.59
C TYR D 7 10.86 8.22 -24.74
N LYS D 8 10.88 7.64 -25.95
CA LYS D 8 10.40 6.28 -26.11
C LYS D 8 11.32 5.28 -25.44
N LEU D 9 12.63 5.57 -25.39
CA LEU D 9 13.56 4.71 -24.67
C LEU D 9 13.50 4.92 -23.17
N LYS D 10 13.20 6.14 -22.72
CA LYS D 10 13.05 6.40 -21.30
C LYS D 10 11.86 5.65 -20.72
N ALA D 11 10.78 5.49 -21.50
CA ALA D 11 9.63 4.74 -21.02
C ALA D 11 9.92 3.25 -20.97
N GLU D 12 10.68 2.74 -21.94
CA GLU D 12 11.06 1.34 -21.94
C GLU D 12 11.98 0.97 -20.78
N PHE D 13 12.72 1.95 -20.24
CA PHE D 13 13.56 1.68 -19.09
C PHE D 13 12.72 1.39 -17.85
N PHE D 14 11.68 2.19 -17.62
CA PHE D 14 10.78 1.94 -16.49
C PHE D 14 9.84 0.77 -16.77
N LYS D 15 9.44 0.57 -18.03
CA LYS D 15 8.55 -0.52 -18.36
C LYS D 15 9.21 -1.88 -18.14
N THR D 16 10.52 -1.96 -18.31
CA THR D 16 11.23 -3.21 -18.04
C THR D 16 11.22 -3.54 -16.56
N LEU D 17 11.37 -2.53 -15.71
CA LEU D 17 11.36 -2.73 -14.27
C LEU D 17 9.96 -2.84 -13.68
N ALA D 18 8.92 -2.72 -14.50
CA ALA D 18 7.54 -2.77 -14.01
C ALA D 18 7.00 -4.20 -14.06
N HIS D 19 7.70 -5.09 -13.34
CA HIS D 19 7.32 -6.49 -13.26
C HIS D 19 7.68 -7.02 -11.87
N PRO D 20 6.73 -7.59 -11.14
CA PRO D 20 7.05 -8.08 -9.79
C PRO D 20 8.11 -9.17 -9.78
N ALA D 21 8.15 -10.02 -10.81
CA ALA D 21 9.17 -11.06 -10.87
C ALA D 21 10.55 -10.46 -11.12
N ARG D 22 10.65 -9.47 -12.02
CA ARG D 22 11.94 -8.86 -12.32
C ARG D 22 12.44 -8.02 -11.16
N ILE D 23 11.54 -7.41 -10.39
CA ILE D 23 11.97 -6.61 -9.25
C ILE D 23 12.59 -7.48 -8.18
N ARG D 24 12.01 -8.67 -7.93
CA ARG D 24 12.58 -9.57 -6.94
C ARG D 24 13.93 -10.12 -7.39
N ILE D 25 14.12 -10.28 -8.70
CA ILE D 25 15.42 -10.71 -9.22
C ILE D 25 16.47 -9.65 -8.93
N LEU D 26 16.13 -8.38 -9.15
CA LEU D 26 17.08 -7.29 -8.88
C LEU D 26 17.35 -7.15 -7.39
N GLU D 27 16.31 -7.34 -6.55
CA GLU D 27 16.52 -7.26 -5.11
C GLU D 27 17.37 -8.40 -4.59
N LEU D 28 17.26 -9.58 -5.21
CA LEU D 28 18.11 -10.70 -4.80
C LEU D 28 19.54 -10.52 -5.28
N LEU D 29 19.73 -9.90 -6.44
CA LEU D 29 21.07 -9.71 -6.99
C LEU D 29 21.79 -8.51 -6.38
N VAL D 30 21.05 -7.53 -5.85
CA VAL D 30 21.71 -6.37 -5.27
C VAL D 30 22.26 -6.70 -3.88
N GLU D 31 21.68 -7.69 -3.19
CA GLU D 31 22.19 -8.09 -1.89
C GLU D 31 23.41 -8.98 -2.02
N ARG D 32 23.35 -9.97 -2.90
CA ARG D 32 24.47 -10.87 -3.12
C ARG D 32 24.30 -11.51 -4.49
N ASP D 33 25.39 -12.10 -5.00
CA ASP D 33 25.36 -12.76 -6.29
C ASP D 33 24.57 -14.06 -6.19
N ARG D 34 23.57 -14.21 -7.06
CA ARG D 34 22.70 -15.37 -7.07
C ARG D 34 22.97 -16.21 -8.32
N SER D 35 22.80 -17.52 -8.18
CA SER D 35 22.94 -18.44 -9.30
C SER D 35 21.57 -18.74 -9.90
N VAL D 36 21.56 -19.51 -10.99
CA VAL D 36 20.30 -19.85 -11.63
C VAL D 36 19.49 -20.81 -10.76
N GLY D 37 20.16 -21.59 -9.91
CA GLY D 37 19.47 -22.49 -9.02
C GLY D 37 18.92 -21.81 -7.79
N GLU D 38 19.66 -20.83 -7.26
CA GLU D 38 19.20 -20.10 -6.09
C GLU D 38 18.00 -19.22 -6.41
N LEU D 39 17.92 -18.69 -7.63
CA LEU D 39 16.81 -17.84 -8.03
C LEU D 39 15.56 -18.68 -8.31
N ASP D 43 12.23 -16.71 -4.01
CA ASP D 43 10.93 -16.08 -3.71
C ASP D 43 10.24 -15.62 -4.97
N VAL D 44 10.93 -15.71 -6.11
CA VAL D 44 10.34 -15.32 -7.38
C VAL D 44 9.24 -16.30 -7.78
N GLY D 45 9.51 -17.59 -7.64
CA GLY D 45 8.50 -18.61 -7.92
C GLY D 45 8.19 -18.77 -9.39
N LEU D 46 9.22 -18.93 -10.22
CA LEU D 46 9.05 -19.14 -11.65
C LEU D 46 9.68 -20.46 -12.08
N ASN D 50 9.78 -20.02 -18.23
CA ASN D 50 9.33 -18.64 -18.04
C ASN D 50 10.38 -17.82 -17.30
N LEU D 51 11.19 -18.49 -16.49
CA LEU D 51 12.26 -17.80 -15.77
C LEU D 51 13.37 -17.37 -16.71
N SER D 52 13.73 -18.22 -17.68
CA SER D 52 14.74 -17.86 -18.65
C SER D 52 14.29 -16.75 -19.59
N GLN D 53 12.98 -16.57 -19.76
CA GLN D 53 12.47 -15.49 -20.61
C GLN D 53 12.52 -14.15 -19.88
N GLN D 54 12.08 -14.12 -18.63
CA GLN D 54 12.12 -12.87 -17.87
C GLN D 54 13.55 -12.47 -17.54
N LEU D 55 14.42 -13.45 -17.26
CA LEU D 55 15.81 -13.13 -16.95
C LEU D 55 16.56 -12.65 -18.17
N GLY D 56 16.15 -13.09 -19.37
CA GLY D 56 16.82 -12.65 -20.58
C GLY D 56 16.51 -11.21 -20.95
N VAL D 57 15.33 -10.72 -20.57
CA VAL D 57 14.98 -9.33 -20.86
C VAL D 57 15.83 -8.37 -20.05
N LEU D 58 16.08 -8.69 -18.78
CA LEU D 58 16.92 -7.84 -17.95
C LEU D 58 18.37 -7.85 -18.43
N ARG D 59 18.80 -8.93 -19.07
CA ARG D 59 20.16 -8.97 -19.62
C ARG D 59 20.27 -8.08 -20.84
N ARG D 60 19.25 -8.07 -21.70
CA ARG D 60 19.27 -7.21 -22.87
C ARG D 60 19.09 -5.74 -22.50
N ALA D 61 18.37 -5.47 -21.42
CA ALA D 61 18.16 -4.09 -20.99
C ALA D 61 19.42 -3.46 -20.41
N GLY D 62 20.37 -4.27 -19.98
CA GLY D 62 21.62 -3.77 -19.43
C GLY D 62 21.69 -3.66 -17.92
N VAL D 63 20.77 -4.32 -17.21
CA VAL D 63 20.77 -4.27 -15.75
C VAL D 63 21.26 -5.56 -15.11
N VAL D 64 21.33 -6.66 -15.86
CA VAL D 64 21.74 -7.95 -15.33
C VAL D 64 22.94 -8.45 -16.14
N ALA D 65 24.01 -8.81 -15.43
CA ALA D 65 25.22 -9.31 -16.07
C ALA D 65 25.17 -10.82 -16.24
N TYR D 75 24.97 -14.72 -13.33
CA TYR D 75 24.11 -13.53 -13.27
C TYR D 75 24.37 -12.72 -12.01
N SER D 76 24.47 -11.40 -12.16
CA SER D 76 24.72 -10.51 -11.05
C SER D 76 24.27 -9.11 -11.43
N ILE D 77 24.52 -8.15 -10.55
CA ILE D 77 24.20 -6.75 -10.81
C ILE D 77 25.23 -6.16 -11.75
N ALA D 78 24.76 -5.36 -12.71
CA ALA D 78 25.64 -4.76 -13.71
C ALA D 78 26.59 -3.76 -13.08
N ALA D 79 26.08 -2.63 -12.63
CA ALA D 79 26.87 -1.55 -12.04
C ALA D 79 26.22 -1.09 -10.74
N PRO D 80 27.01 -0.51 -9.83
CA PRO D 80 26.45 -0.05 -8.55
C PRO D 80 25.38 1.02 -8.68
N ASP D 81 25.22 1.63 -9.86
CA ASP D 81 24.16 2.62 -10.04
C ASP D 81 22.77 1.99 -9.94
N ILE D 82 22.66 0.69 -10.19
CA ILE D 82 21.38 0.00 -10.00
C ILE D 82 21.06 -0.12 -8.53
N ALA D 83 22.08 -0.24 -7.67
CA ALA D 83 21.84 -0.35 -6.24
C ALA D 83 21.20 0.91 -5.69
N GLU D 84 21.73 2.08 -6.04
CA GLU D 84 21.13 3.33 -5.61
C GLU D 84 19.84 3.65 -6.35
N LEU D 85 19.60 3.02 -7.50
CA LEU D 85 18.33 3.19 -8.19
C LEU D 85 17.20 2.53 -7.40
N LEU D 86 17.41 1.27 -6.98
CA LEU D 86 16.41 0.61 -6.14
C LEU D 86 16.35 1.22 -4.76
N ALA D 87 17.44 1.83 -4.30
CA ALA D 87 17.44 2.45 -2.98
C ALA D 87 16.57 3.71 -2.97
N VAL D 88 16.71 4.56 -3.99
CA VAL D 88 15.87 5.76 -4.04
C VAL D 88 14.45 5.41 -4.47
N ALA D 89 14.26 4.31 -5.19
CA ALA D 89 12.91 3.89 -5.55
C ALA D 89 12.13 3.43 -4.34
N ARG D 90 12.77 2.65 -3.45
CA ARG D 90 12.11 2.22 -2.22
C ARG D 90 11.91 3.40 -1.28
N LYS D 91 12.83 4.36 -1.25
CA LYS D 91 12.65 5.54 -0.41
C LYS D 91 11.47 6.37 -0.88
N VAL D 92 11.34 6.56 -2.20
CA VAL D 92 10.22 7.33 -2.73
C VAL D 92 8.90 6.60 -2.49
N LEU D 93 8.88 5.29 -2.76
CA LEU D 93 7.65 4.52 -2.60
C LEU D 93 7.23 4.45 -1.13
N ALA D 94 8.20 4.37 -0.21
CA ALA D 94 7.86 4.35 1.21
C ALA D 94 7.21 5.66 1.64
N ARG D 95 7.67 6.78 1.08
CA ARG D 95 7.03 8.06 1.38
C ARG D 95 5.64 8.16 0.76
N VAL D 96 5.45 7.58 -0.42
CA VAL D 96 4.15 7.61 -1.07
C VAL D 96 3.12 6.82 -0.27
N LEU D 97 3.49 5.61 0.15
CA LEU D 97 2.57 4.79 0.93
C LEU D 97 2.30 5.40 2.30
N SER D 98 3.29 6.09 2.88
CA SER D 98 3.09 6.76 4.14
C SER D 98 2.19 7.99 4.03
N ASP D 99 1.93 8.48 2.82
CA ASP D 99 1.09 9.64 2.61
C ASP D 99 -0.21 9.32 1.86
N ARG D 100 -0.23 8.29 1.04
CA ARG D 100 -1.42 7.91 0.30
C ARG D 100 -2.36 7.00 1.08
N VAL D 101 -1.92 6.50 2.23
CA VAL D 101 -2.76 5.62 3.04
C VAL D 101 -3.11 6.31 4.37
#